data_1FQC
#
_entry.id   1FQC
#
_cell.length_a   105.0
_cell.length_b   68.1
_cell.length_c   57.5
_cell.angle_alpha   90.0
_cell.angle_beta   112.7
_cell.angle_gamma   90.0
#
_symmetry.space_group_name_H-M   'C 1 2 1'
#
loop_
_entity.id
_entity.type
_entity.pdbx_description
1 polymer 'MALTODEXTRIN-BINDING PROTEIN'
2 branched alpha-D-glucopyranose-(1-4)-alpha-D-glucopyranose-(1-4)-D-glucose
3 water water
#
_entity_poly.entity_id   1
_entity_poly.type   'polypeptide(L)'
_entity_poly.pdbx_seq_one_letter_code
;AIEEGKLVIWINGDKGYNGLAEVGKKFEKDTGIKVTVEHPDKLEEKFPQVAATGDGPDIIFWAHDRFGGYAQSGLLAEIT
PDKAFQDKLYPFTWDAVRYNGKLIAYPIAVEALSLIYNKDLLPNPPKTWEEIPALDKELKAKGKSALMFNLQEPYFTWPL
IAADGGYAFKYENGKYDIKDVGVDNAGAKAGLTFLVDLIKNKHMNADTDYSIAEAAFNKGETAMTINGPWAWSNIDTSKV
NYGVTVLPTFKGQPSKPFVGVLSAGINAASPNKELAKEFLENYLLTDEGLEAVNKDKPLGAVALKSYEEELAKDPRIAAT
MENAQKGEIMPNIPQMSAFWYAVRTAVINAASGRQTVDEALKDAQTRITK
;
_entity_poly.pdbx_strand_id   A
#
loop_
_chem_comp.id
_chem_comp.type
_chem_comp.name
_chem_comp.formula
GLC D-saccharide, alpha linking alpha-D-glucopyranose 'C6 H12 O6'
GLO D-saccharide D-glucose 'C6 H12 O6'
#
# COMPACT_ATOMS: atom_id res chain seq x y z
N ALA A 1 12.43 -24.42 10.12
CA ALA A 1 12.86 -24.02 11.48
C ALA A 1 14.33 -23.61 11.45
N ILE A 2 14.59 -22.41 10.96
CA ILE A 2 15.95 -21.87 10.85
C ILE A 2 16.62 -22.34 9.55
N GLU A 3 17.78 -21.76 9.25
CA GLU A 3 18.52 -22.11 8.02
C GLU A 3 20.04 -22.28 8.23
N GLU A 4 20.65 -21.44 9.07
CA GLU A 4 22.09 -21.50 9.31
C GLU A 4 22.82 -21.62 7.98
N GLY A 5 22.66 -20.59 7.15
CA GLY A 5 23.30 -20.59 5.85
C GLY A 5 22.27 -20.48 4.73
N LYS A 6 22.10 -19.26 4.21
CA LYS A 6 21.14 -18.92 3.14
C LYS A 6 20.10 -17.92 3.66
N LEU A 7 19.44 -17.25 2.73
CA LEU A 7 18.43 -16.28 3.09
C LEU A 7 17.14 -16.58 2.33
N VAL A 8 16.05 -16.77 3.07
CA VAL A 8 14.76 -17.02 2.47
C VAL A 8 14.04 -15.69 2.59
N ILE A 9 13.52 -15.17 1.49
CA ILE A 9 12.82 -13.89 1.51
C ILE A 9 11.37 -14.11 1.11
N TRP A 10 10.47 -13.29 1.68
CA TRP A 10 9.04 -13.37 1.39
C TRP A 10 8.50 -12.00 1.00
N ILE A 11 7.83 -11.93 -0.15
CA ILE A 11 7.27 -10.68 -0.64
C ILE A 11 6.00 -10.86 -1.48
N ASN A 12 5.02 -9.99 -1.25
CA ASN A 12 3.74 -10.08 -1.97
C ASN A 12 3.83 -10.19 -3.49
N GLY A 13 2.82 -10.84 -4.06
CA GLY A 13 2.76 -11.07 -5.49
C GLY A 13 2.75 -9.86 -6.42
N ASP A 14 2.11 -8.76 -6.01
CA ASP A 14 2.07 -7.58 -6.86
C ASP A 14 3.39 -6.79 -6.79
N LYS A 15 4.35 -7.31 -6.03
CA LYS A 15 5.67 -6.69 -5.89
C LYS A 15 6.65 -7.32 -6.89
N GLY A 16 7.70 -6.60 -7.23
CA GLY A 16 8.66 -7.11 -8.20
C GLY A 16 9.60 -8.15 -7.64
N TYR A 17 9.03 -9.28 -7.24
CA TYR A 17 9.81 -10.36 -6.65
C TYR A 17 10.87 -11.03 -7.54
N ASN A 18 10.71 -11.00 -8.86
CA ASN A 18 11.70 -11.61 -9.75
C ASN A 18 12.94 -10.72 -9.80
N GLY A 19 12.75 -9.43 -9.55
CA GLY A 19 13.86 -8.50 -9.53
C GLY A 19 14.62 -8.70 -8.22
N LEU A 20 13.87 -8.93 -7.13
CA LEU A 20 14.46 -9.16 -5.82
C LEU A 20 15.41 -10.34 -5.94
N ALA A 21 14.98 -11.35 -6.71
CA ALA A 21 15.80 -12.53 -6.96
C ALA A 21 17.09 -12.13 -7.70
N GLU A 22 16.99 -11.14 -8.57
CA GLU A 22 18.13 -10.62 -9.32
C GLU A 22 19.18 -10.19 -8.28
N VAL A 23 18.75 -9.35 -7.35
CA VAL A 23 19.64 -8.85 -6.30
C VAL A 23 20.20 -9.99 -5.45
N GLY A 24 19.41 -11.04 -5.30
CA GLY A 24 19.87 -12.17 -4.51
C GLY A 24 21.14 -12.73 -5.12
N LYS A 25 21.17 -12.78 -6.45
CA LYS A 25 22.31 -13.31 -7.19
C LYS A 25 23.59 -12.49 -7.03
N LYS A 26 23.51 -11.19 -7.32
CA LYS A 26 24.67 -10.31 -7.17
C LYS A 26 25.21 -10.39 -5.74
N PHE A 27 24.38 -10.84 -4.82
CA PHE A 27 24.75 -10.97 -3.41
C PHE A 27 25.33 -12.36 -3.17
N GLU A 28 24.76 -13.37 -3.83
CA GLU A 28 25.24 -14.75 -3.67
C GLU A 28 26.61 -14.89 -4.32
N LYS A 29 26.65 -14.74 -5.64
CA LYS A 29 27.88 -14.85 -6.40
C LYS A 29 28.99 -13.96 -5.82
N ASP A 30 28.63 -13.05 -4.91
CA ASP A 30 29.59 -12.15 -4.30
C ASP A 30 30.06 -12.62 -2.90
N THR A 31 29.19 -13.35 -2.21
CA THR A 31 29.47 -13.86 -0.87
C THR A 31 29.40 -15.39 -0.82
N GLY A 32 28.44 -15.96 -1.54
CA GLY A 32 28.28 -17.40 -1.56
C GLY A 32 27.01 -17.89 -0.87
N ILE A 33 26.15 -16.97 -0.46
CA ILE A 33 24.91 -17.32 0.21
C ILE A 33 23.78 -17.47 -0.80
N LYS A 34 23.06 -18.59 -0.75
CA LYS A 34 21.98 -18.83 -1.70
C LYS A 34 20.68 -18.18 -1.20
N VAL A 35 20.32 -17.08 -1.85
CA VAL A 35 19.11 -16.34 -1.51
C VAL A 35 17.88 -16.77 -2.31
N THR A 36 16.91 -17.36 -1.61
CA THR A 36 15.67 -17.81 -2.23
C THR A 36 14.60 -16.75 -1.96
N VAL A 37 13.78 -16.45 -2.95
CA VAL A 37 12.72 -15.46 -2.78
C VAL A 37 11.37 -16.11 -3.01
N GLU A 38 10.38 -15.75 -2.21
CA GLU A 38 9.04 -16.34 -2.34
C GLU A 38 7.93 -15.28 -2.26
N HIS A 39 6.79 -15.58 -2.87
CA HIS A 39 5.63 -14.68 -2.87
C HIS A 39 4.37 -15.43 -2.41
N PRO A 40 4.47 -16.13 -1.27
CA PRO A 40 3.31 -16.87 -0.78
C PRO A 40 2.01 -16.06 -0.76
N ASP A 41 0.90 -16.77 -0.57
CA ASP A 41 -0.42 -16.15 -0.51
C ASP A 41 -0.66 -15.61 0.89
N LYS A 42 -1.35 -14.47 0.98
CA LYS A 42 -1.67 -13.83 2.26
C LYS A 42 -0.49 -13.96 3.21
N LEU A 43 0.70 -13.61 2.71
CA LEU A 43 1.92 -13.70 3.52
C LEU A 43 1.85 -12.90 4.80
N GLU A 44 1.10 -11.80 4.75
CA GLU A 44 0.97 -10.93 5.92
C GLU A 44 0.24 -11.67 7.03
N GLU A 45 -0.67 -12.56 6.65
CA GLU A 45 -1.44 -13.33 7.62
C GLU A 45 -0.73 -14.63 7.98
N LYS A 46 0.10 -15.14 7.07
CA LYS A 46 0.82 -16.39 7.30
C LYS A 46 2.18 -16.23 8.00
N PHE A 47 2.88 -15.14 7.72
CA PHE A 47 4.18 -14.94 8.35
C PHE A 47 4.10 -15.05 9.86
N PRO A 48 3.10 -14.40 10.48
CA PRO A 48 3.00 -14.49 11.95
C PRO A 48 2.65 -15.89 12.42
N GLN A 49 1.88 -16.60 11.61
CA GLN A 49 1.48 -17.96 11.96
C GLN A 49 2.71 -18.86 12.01
N VAL A 50 3.50 -18.84 10.96
CA VAL A 50 4.71 -19.66 10.89
C VAL A 50 5.80 -19.15 11.82
N ALA A 51 6.04 -17.84 11.83
CA ALA A 51 7.08 -17.24 12.66
C ALA A 51 6.89 -17.53 14.14
N ALA A 52 5.67 -17.90 14.53
CA ALA A 52 5.37 -18.21 15.93
C ALA A 52 6.01 -19.55 16.30
N THR A 53 5.95 -20.51 15.39
CA THR A 53 6.54 -21.83 15.62
C THR A 53 8.06 -21.77 15.41
N GLY A 54 8.57 -20.59 15.09
CA GLY A 54 9.99 -20.44 14.86
C GLY A 54 10.44 -20.74 13.43
N ASP A 55 9.52 -20.63 12.47
CA ASP A 55 9.85 -20.88 11.08
C ASP A 55 9.65 -19.62 10.23
N GLY A 56 9.29 -19.84 8.98
CA GLY A 56 9.06 -18.74 8.08
C GLY A 56 10.31 -18.29 7.36
N PRO A 57 10.26 -17.11 6.74
CA PRO A 57 11.41 -16.59 6.01
C PRO A 57 12.39 -15.86 6.92
N ASP A 58 13.57 -15.63 6.39
CA ASP A 58 14.61 -14.91 7.10
C ASP A 58 14.19 -13.44 7.09
N ILE A 59 13.67 -13.00 5.93
CA ILE A 59 13.23 -11.62 5.72
C ILE A 59 11.81 -11.61 5.16
N ILE A 60 10.98 -10.74 5.72
CA ILE A 60 9.58 -10.58 5.32
C ILE A 60 9.31 -9.16 4.84
N PHE A 61 8.75 -9.03 3.64
CA PHE A 61 8.43 -7.71 3.09
C PHE A 61 6.94 -7.46 3.22
N TRP A 62 6.61 -6.25 3.64
CA TRP A 62 5.22 -5.81 3.77
C TRP A 62 5.21 -4.34 4.17
N ALA A 63 4.09 -3.66 3.92
CA ALA A 63 3.97 -2.25 4.29
C ALA A 63 4.06 -2.15 5.82
N HIS A 64 4.78 -1.15 6.29
CA HIS A 64 4.96 -0.99 7.71
C HIS A 64 3.72 -1.17 8.58
N ASP A 65 2.55 -0.83 8.06
CA ASP A 65 1.34 -0.91 8.89
C ASP A 65 1.17 -2.19 9.70
N ARG A 66 1.69 -3.32 9.20
CA ARG A 66 1.55 -4.57 9.95
C ARG A 66 2.68 -4.85 10.94
N PHE A 67 3.78 -4.12 10.84
CA PHE A 67 4.94 -4.38 11.69
C PHE A 67 4.84 -4.16 13.20
N GLY A 68 3.86 -3.40 13.66
CA GLY A 68 3.69 -3.18 15.09
C GLY A 68 3.09 -4.42 15.75
N GLY A 69 2.25 -5.12 15.00
CA GLY A 69 1.65 -6.31 15.54
C GLY A 69 2.69 -7.40 15.60
N TYR A 70 3.50 -7.50 14.55
CA TYR A 70 4.57 -8.49 14.48
C TYR A 70 5.55 -8.26 15.61
N ALA A 71 5.96 -7.02 15.77
CA ALA A 71 6.90 -6.69 16.83
C ALA A 71 6.31 -7.08 18.18
N GLN A 72 5.01 -6.78 18.36
CA GLN A 72 4.33 -7.09 19.61
C GLN A 72 4.28 -8.59 19.88
N SER A 73 4.09 -9.35 18.82
CA SER A 73 4.01 -10.80 18.95
C SER A 73 5.38 -11.43 19.13
N GLY A 74 6.41 -10.58 19.14
CA GLY A 74 7.78 -11.03 19.31
C GLY A 74 8.36 -11.80 18.14
N LEU A 75 7.89 -11.50 16.94
CA LEU A 75 8.36 -12.21 15.74
C LEU A 75 9.41 -11.45 14.93
N LEU A 76 9.84 -10.30 15.41
CA LEU A 76 10.80 -9.50 14.66
C LEU A 76 12.03 -9.08 15.43
N ALA A 77 13.16 -9.04 14.71
CA ALA A 77 14.45 -8.66 15.26
C ALA A 77 14.69 -7.16 15.16
N GLU A 78 15.32 -6.59 16.19
CA GLU A 78 15.64 -5.18 16.19
C GLU A 78 16.82 -5.01 15.26
N ILE A 79 16.67 -4.21 14.20
CA ILE A 79 17.73 -4.00 13.24
C ILE A 79 18.83 -3.06 13.81
N THR A 80 20.04 -3.15 13.23
CA THR A 80 21.21 -2.38 13.68
C THR A 80 21.76 -1.33 12.71
N PRO A 81 20.93 -0.40 12.26
CA PRO A 81 21.46 0.59 11.34
C PRO A 81 22.21 1.69 12.10
N ASP A 82 23.46 1.92 11.76
CA ASP A 82 24.25 2.97 12.41
C ASP A 82 23.80 4.34 11.95
N LYS A 83 24.29 5.37 12.62
CA LYS A 83 23.95 6.76 12.29
C LYS A 83 24.22 7.09 10.81
N ALA A 84 25.29 6.50 10.27
CA ALA A 84 25.64 6.74 8.88
C ALA A 84 24.54 6.24 7.96
N PHE A 85 24.27 4.94 8.01
CA PHE A 85 23.25 4.36 7.15
C PHE A 85 21.94 5.14 7.14
N GLN A 86 21.30 5.23 8.29
CA GLN A 86 20.02 5.92 8.42
C GLN A 86 19.99 7.21 7.63
N ASP A 87 21.14 7.89 7.57
CA ASP A 87 21.24 9.15 6.85
C ASP A 87 20.86 9.00 5.38
N LYS A 88 21.04 7.80 4.83
CA LYS A 88 20.71 7.50 3.43
C LYS A 88 19.20 7.51 3.16
N LEU A 89 18.44 7.11 4.18
CA LEU A 89 16.99 7.04 4.07
C LEU A 89 16.32 8.27 4.66
N TYR A 90 15.13 8.60 4.16
CA TYR A 90 14.40 9.75 4.67
C TYR A 90 14.00 9.45 6.12
N PRO A 91 14.22 10.42 7.01
CA PRO A 91 13.89 10.24 8.44
C PRO A 91 12.47 9.84 8.73
N PHE A 92 11.52 10.28 7.89
CA PHE A 92 10.13 9.93 8.13
C PHE A 92 9.84 8.48 7.81
N THR A 93 10.72 7.84 7.02
CA THR A 93 10.51 6.44 6.70
C THR A 93 10.99 5.57 7.86
N TRP A 94 11.93 6.10 8.63
CA TRP A 94 12.47 5.38 9.77
C TRP A 94 11.43 5.48 10.89
N ASP A 95 10.65 6.55 10.88
CA ASP A 95 9.60 6.75 11.88
C ASP A 95 8.45 5.78 11.64
N ALA A 96 8.30 5.35 10.38
CA ALA A 96 7.26 4.42 10.00
C ALA A 96 7.47 3.04 10.60
N VAL A 97 8.73 2.60 10.67
CA VAL A 97 9.06 1.29 11.23
C VAL A 97 9.63 1.37 12.64
N ARG A 98 9.17 2.34 13.41
CA ARG A 98 9.65 2.49 14.77
C ARG A 98 8.56 2.11 15.75
N TYR A 99 8.71 0.95 16.39
CA TYR A 99 7.75 0.48 17.37
C TYR A 99 8.27 0.74 18.79
N ASN A 100 7.73 1.78 19.43
CA ASN A 100 8.15 2.12 20.79
C ASN A 100 9.62 2.52 20.83
N GLY A 101 10.02 3.37 19.91
CA GLY A 101 11.40 3.81 19.86
C GLY A 101 12.26 2.88 19.04
N LYS A 102 12.12 1.57 19.26
CA LYS A 102 12.90 0.58 18.52
C LYS A 102 12.61 0.58 17.03
N LEU A 103 13.58 0.09 16.26
CA LEU A 103 13.43 0.00 14.82
C LEU A 103 13.33 -1.48 14.53
N ILE A 104 12.24 -1.88 13.88
CA ILE A 104 11.99 -3.27 13.58
C ILE A 104 11.96 -3.63 12.09
N ALA A 105 12.47 -2.75 11.24
CA ALA A 105 12.50 -3.04 9.81
C ALA A 105 13.21 -1.95 9.02
N TYR A 106 13.63 -2.30 7.81
CA TYR A 106 14.31 -1.37 6.92
C TYR A 106 13.28 -0.88 5.90
N PRO A 107 13.08 0.44 5.82
CA PRO A 107 12.12 1.01 4.85
C PRO A 107 12.66 0.79 3.44
N ILE A 108 11.80 0.32 2.53
CA ILE A 108 12.23 0.07 1.16
C ILE A 108 11.69 1.06 0.16
N ALA A 109 10.38 1.29 0.22
CA ALA A 109 9.72 2.24 -0.69
C ALA A 109 8.43 2.80 -0.11
N VAL A 110 8.12 4.05 -0.48
CA VAL A 110 6.92 4.74 -0.02
C VAL A 110 5.79 4.63 -1.06
N GLU A 111 4.72 3.97 -0.68
CA GLU A 111 3.60 3.76 -1.58
C GLU A 111 2.38 4.63 -1.27
N ALA A 112 1.71 5.09 -2.32
CA ALA A 112 0.49 5.90 -2.20
C ALA A 112 -0.32 5.65 -3.47
N LEU A 113 -1.65 5.57 -3.33
CA LEU A 113 -2.50 5.35 -4.49
C LEU A 113 -2.59 6.65 -5.30
N SER A 114 -2.74 6.52 -6.62
CA SER A 114 -2.87 7.67 -7.49
C SER A 114 -3.98 7.42 -8.49
N LEU A 115 -4.41 8.47 -9.19
CA LEU A 115 -5.46 8.34 -10.20
C LEU A 115 -4.80 8.05 -11.55
N ILE A 116 -5.05 6.85 -12.08
CA ILE A 116 -4.54 6.42 -13.36
C ILE A 116 -5.68 6.54 -14.36
N TYR A 117 -5.47 7.33 -15.41
CA TYR A 117 -6.51 7.56 -16.40
C TYR A 117 -6.08 7.25 -17.83
N ASN A 118 -7.07 7.08 -18.70
CA ASN A 118 -6.81 6.80 -20.11
C ASN A 118 -6.77 8.13 -20.85
N LYS A 119 -5.57 8.50 -21.28
CA LYS A 119 -5.35 9.76 -21.99
C LYS A 119 -6.14 9.95 -23.29
N ASP A 120 -6.42 8.84 -23.97
CA ASP A 120 -7.19 8.93 -25.20
C ASP A 120 -8.65 9.24 -24.90
N LEU A 121 -9.25 8.50 -23.98
CA LEU A 121 -10.64 8.74 -23.60
C LEU A 121 -10.75 9.98 -22.73
N LEU A 122 -9.90 10.06 -21.71
CA LEU A 122 -9.93 11.19 -20.78
C LEU A 122 -8.66 12.01 -20.81
N PRO A 123 -8.52 12.89 -21.82
CA PRO A 123 -7.32 13.72 -21.88
C PRO A 123 -7.37 14.74 -20.75
N ASN A 124 -8.59 15.09 -20.36
CA ASN A 124 -8.83 16.04 -19.27
C ASN A 124 -9.49 15.26 -18.14
N PRO A 125 -8.66 14.67 -17.25
CA PRO A 125 -9.10 13.87 -16.11
C PRO A 125 -9.89 14.68 -15.09
N PRO A 126 -10.98 14.12 -14.56
CA PRO A 126 -11.84 14.78 -13.58
C PRO A 126 -11.06 15.23 -12.34
N LYS A 127 -11.40 16.41 -11.81
CA LYS A 127 -10.71 16.90 -10.65
C LYS A 127 -11.53 16.75 -9.36
N THR A 128 -12.85 16.62 -9.50
CA THR A 128 -13.69 16.42 -8.32
C THR A 128 -14.35 15.06 -8.46
N TRP A 129 -14.75 14.48 -7.34
CA TRP A 129 -15.40 13.18 -7.31
C TRP A 129 -16.80 13.42 -7.84
N GLU A 130 -17.32 14.57 -7.40
CA GLU A 130 -18.65 15.01 -7.74
C GLU A 130 -18.95 15.07 -9.23
N GLU A 131 -17.93 15.24 -10.06
CA GLU A 131 -18.15 15.31 -11.50
C GLU A 131 -18.01 13.96 -12.21
N ILE A 132 -17.86 12.90 -11.43
CA ILE A 132 -17.69 11.56 -11.96
C ILE A 132 -19.01 10.94 -12.43
N PRO A 133 -20.08 11.06 -11.63
CA PRO A 133 -21.37 10.48 -12.05
C PRO A 133 -21.87 10.98 -13.41
N ALA A 134 -21.64 12.26 -13.69
CA ALA A 134 -22.07 12.83 -14.97
C ALA A 134 -21.10 12.40 -16.07
N LEU A 135 -19.86 12.14 -15.69
CA LEU A 135 -18.83 11.71 -16.63
C LEU A 135 -19.11 10.28 -17.10
N ASP A 136 -19.61 9.45 -16.20
CA ASP A 136 -19.91 8.06 -16.53
C ASP A 136 -21.17 7.97 -17.37
N LYS A 137 -22.08 8.93 -17.18
CA LYS A 137 -23.32 8.94 -17.93
C LYS A 137 -22.98 9.12 -19.40
N GLU A 138 -22.03 10.01 -19.67
CA GLU A 138 -21.60 10.30 -21.03
C GLU A 138 -20.83 9.15 -21.65
N LEU A 139 -19.95 8.54 -20.86
CA LEU A 139 -19.13 7.42 -21.33
C LEU A 139 -19.90 6.13 -21.49
N LYS A 140 -20.83 5.87 -20.57
CA LYS A 140 -21.62 4.66 -20.66
C LYS A 140 -22.28 4.60 -22.03
N ALA A 141 -22.54 5.78 -22.59
CA ALA A 141 -23.19 5.94 -23.91
C ALA A 141 -22.23 5.71 -25.09
N LYS A 142 -20.96 5.47 -24.79
CA LYS A 142 -19.98 5.23 -25.83
C LYS A 142 -19.51 3.78 -25.70
N GLY A 143 -20.14 3.04 -24.78
CA GLY A 143 -19.76 1.66 -24.53
C GLY A 143 -18.70 1.57 -23.44
N LYS A 144 -18.11 2.72 -23.12
CA LYS A 144 -17.05 2.83 -22.11
C LYS A 144 -17.53 3.00 -20.67
N SER A 145 -16.55 3.14 -19.77
CA SER A 145 -16.79 3.30 -18.33
C SER A 145 -15.97 4.49 -17.81
N ALA A 146 -16.44 5.12 -16.74
CA ALA A 146 -15.74 6.25 -16.16
C ALA A 146 -14.64 5.83 -15.20
N LEU A 147 -15.00 5.02 -14.22
CA LEU A 147 -14.03 4.60 -13.21
C LEU A 147 -14.23 3.19 -12.64
N MET A 148 -13.14 2.52 -12.28
CA MET A 148 -13.23 1.18 -11.73
C MET A 148 -12.00 0.80 -10.90
N PHE A 149 -12.19 0.51 -9.62
CA PHE A 149 -11.10 0.10 -8.76
C PHE A 149 -11.53 -0.99 -7.79
N ASN A 150 -10.56 -1.62 -7.14
CA ASN A 150 -10.83 -2.71 -6.21
C ASN A 150 -11.59 -2.26 -4.96
N LEU A 151 -12.86 -2.60 -4.89
CA LEU A 151 -13.68 -2.23 -3.74
C LEU A 151 -13.58 -3.27 -2.63
N GLN A 152 -13.00 -4.42 -2.96
CA GLN A 152 -12.87 -5.49 -1.99
C GLN A 152 -11.81 -5.25 -0.92
N GLU A 153 -10.95 -4.24 -1.10
CA GLU A 153 -9.91 -3.91 -0.11
C GLU A 153 -10.11 -2.46 0.29
N PRO A 154 -10.41 -2.19 1.58
CA PRO A 154 -10.63 -0.83 2.07
C PRO A 154 -9.55 0.19 1.68
N TYR A 155 -8.31 -0.28 1.57
CA TYR A 155 -7.20 0.60 1.20
C TYR A 155 -7.57 1.45 0.00
N PHE A 156 -8.32 0.86 -0.94
CA PHE A 156 -8.71 1.56 -2.15
C PHE A 156 -9.79 2.64 -2.02
N THR A 157 -10.69 2.49 -1.05
CA THR A 157 -11.74 3.48 -0.86
C THR A 157 -11.39 4.46 0.26
N TRP A 158 -10.41 4.12 1.09
CA TRP A 158 -10.02 4.99 2.19
C TRP A 158 -9.76 6.45 1.79
N PRO A 159 -9.13 6.71 0.63
CA PRO A 159 -8.87 8.11 0.23
C PRO A 159 -10.14 8.98 0.22
N LEU A 160 -11.22 8.45 -0.33
CA LEU A 160 -12.51 9.15 -0.39
C LEU A 160 -13.11 9.27 1.02
N ILE A 161 -13.02 8.20 1.80
CA ILE A 161 -13.53 8.20 3.18
C ILE A 161 -12.78 9.20 4.07
N ALA A 162 -11.48 9.29 3.90
CA ALA A 162 -10.70 10.21 4.72
C ALA A 162 -10.81 11.65 4.25
N ALA A 163 -11.08 11.84 2.96
CA ALA A 163 -11.16 13.18 2.36
C ALA A 163 -11.88 14.27 3.13
N ASP A 164 -13.13 14.05 3.48
CA ASP A 164 -13.84 15.09 4.19
C ASP A 164 -13.80 14.89 5.68
N GLY A 165 -12.92 14.01 6.16
CA GLY A 165 -12.88 13.85 7.60
C GLY A 165 -12.55 12.53 8.26
N GLY A 166 -12.93 11.42 7.65
CA GLY A 166 -12.62 10.15 8.30
C GLY A 166 -11.15 9.97 8.69
N TYR A 167 -10.90 9.07 9.62
CA TYR A 167 -9.56 8.77 10.05
C TYR A 167 -9.55 7.45 10.80
N ALA A 168 -8.37 6.87 10.97
CA ALA A 168 -8.25 5.60 11.66
C ALA A 168 -8.13 5.80 13.16
N PHE A 169 -6.96 6.25 13.59
CA PHE A 169 -6.67 6.49 14.99
C PHE A 169 -6.16 7.90 15.15
N LYS A 170 -6.68 8.62 16.15
CA LYS A 170 -6.23 9.98 16.37
C LYS A 170 -4.87 10.00 17.06
N TYR A 171 -4.00 10.90 16.61
CA TYR A 171 -2.68 11.06 17.17
C TYR A 171 -2.75 12.18 18.21
N GLU A 172 -2.40 11.89 19.45
CA GLU A 172 -2.46 12.89 20.52
C GLU A 172 -1.08 13.33 21.01
N ASN A 173 -0.90 13.47 22.32
CA ASN A 173 0.41 13.90 22.78
C ASN A 173 1.39 12.74 22.75
N GLY A 174 1.97 12.54 21.56
CA GLY A 174 2.96 11.51 21.35
C GLY A 174 2.51 10.14 20.87
N LYS A 175 1.25 9.78 21.10
CA LYS A 175 0.80 8.47 20.67
C LYS A 175 -0.57 8.43 19.99
N TYR A 176 -0.89 7.28 19.41
CA TYR A 176 -2.17 7.09 18.74
C TYR A 176 -3.13 6.63 19.81
N ASP A 177 -4.31 7.25 19.85
CA ASP A 177 -5.36 6.91 20.81
C ASP A 177 -6.20 5.81 20.19
N ILE A 178 -6.07 4.59 20.71
CA ILE A 178 -6.80 3.46 20.16
C ILE A 178 -8.31 3.51 20.44
N LYS A 179 -8.73 4.47 21.25
CA LYS A 179 -10.15 4.62 21.58
C LYS A 179 -10.76 5.75 20.76
N ASP A 180 -9.92 6.64 20.24
CA ASP A 180 -10.40 7.74 19.41
C ASP A 180 -10.24 7.33 17.94
N VAL A 181 -11.30 6.79 17.36
CA VAL A 181 -11.29 6.37 15.96
C VAL A 181 -12.28 7.19 15.14
N GLY A 182 -11.93 7.47 13.88
CA GLY A 182 -12.79 8.30 13.04
C GLY A 182 -13.41 7.63 11.83
N VAL A 183 -13.83 6.38 12.00
CA VAL A 183 -14.45 5.63 10.91
C VAL A 183 -15.93 5.92 10.83
N ASP A 184 -16.47 6.52 11.88
CA ASP A 184 -17.89 6.81 11.91
C ASP A 184 -18.28 8.28 12.11
N ASN A 185 -17.40 9.21 11.75
CA ASN A 185 -17.77 10.62 11.91
C ASN A 185 -18.49 11.13 10.65
N ALA A 186 -18.80 12.42 10.63
CA ALA A 186 -19.50 13.01 9.50
C ALA A 186 -18.77 12.88 8.16
N GLY A 187 -17.45 13.03 8.15
CA GLY A 187 -16.70 12.92 6.91
C GLY A 187 -16.57 11.50 6.40
N ALA A 188 -16.45 10.55 7.31
CA ALA A 188 -16.33 9.15 6.95
C ALA A 188 -17.62 8.70 6.28
N LYS A 189 -18.74 9.08 6.88
CA LYS A 189 -20.05 8.73 6.35
C LYS A 189 -20.33 9.39 5.00
N ALA A 190 -19.92 10.65 4.84
CA ALA A 190 -20.15 11.36 3.59
C ALA A 190 -19.40 10.69 2.47
N GLY A 191 -18.13 10.37 2.74
CA GLY A 191 -17.30 9.75 1.73
C GLY A 191 -17.85 8.41 1.25
N LEU A 192 -18.16 7.52 2.18
CA LEU A 192 -18.68 6.22 1.81
C LEU A 192 -20.02 6.37 1.13
N THR A 193 -20.82 7.29 1.64
CA THR A 193 -22.14 7.53 1.08
C THR A 193 -22.01 7.83 -0.40
N PHE A 194 -21.13 8.76 -0.74
CA PHE A 194 -20.93 9.10 -2.13
C PHE A 194 -20.59 7.85 -2.96
N LEU A 195 -19.85 6.90 -2.38
CA LEU A 195 -19.47 5.68 -3.11
C LEU A 195 -20.64 4.74 -3.27
N VAL A 196 -21.47 4.67 -2.24
CA VAL A 196 -22.64 3.81 -2.28
C VAL A 196 -23.57 4.36 -3.33
N ASP A 197 -23.66 5.68 -3.40
CA ASP A 197 -24.51 6.36 -4.36
C ASP A 197 -24.05 6.08 -5.80
N LEU A 198 -22.73 6.09 -6.02
CA LEU A 198 -22.21 5.81 -7.35
C LEU A 198 -22.71 4.44 -7.79
N ILE A 199 -22.59 3.47 -6.90
CA ILE A 199 -23.03 2.12 -7.18
C ILE A 199 -24.55 2.07 -7.43
N LYS A 200 -25.32 2.62 -6.50
CA LYS A 200 -26.77 2.63 -6.63
C LYS A 200 -27.25 3.30 -7.91
N ASN A 201 -26.47 4.25 -8.41
CA ASN A 201 -26.83 4.94 -9.64
C ASN A 201 -26.18 4.22 -10.82
N LYS A 202 -25.69 3.03 -10.53
CA LYS A 202 -25.05 2.17 -11.52
C LYS A 202 -23.90 2.79 -12.32
N HIS A 203 -23.04 3.51 -11.64
CA HIS A 203 -21.86 4.12 -12.26
C HIS A 203 -20.67 3.32 -11.77
N MET A 204 -20.96 2.18 -11.14
CA MET A 204 -19.94 1.34 -10.56
C MET A 204 -20.64 0.05 -10.15
N ASN A 205 -19.88 -1.05 -10.07
CA ASN A 205 -20.42 -2.34 -9.66
C ASN A 205 -19.80 -2.67 -8.30
N ALA A 206 -20.63 -3.09 -7.35
CA ALA A 206 -20.17 -3.41 -6.01
C ALA A 206 -19.32 -4.66 -5.91
N ASP A 207 -19.18 -5.39 -7.01
CA ASP A 207 -18.40 -6.63 -6.98
C ASP A 207 -16.97 -6.42 -7.46
N THR A 208 -16.73 -5.29 -8.11
CA THR A 208 -15.41 -5.02 -8.63
C THR A 208 -14.32 -5.32 -7.62
N ASP A 209 -13.28 -6.02 -8.07
CA ASP A 209 -12.12 -6.34 -7.24
C ASP A 209 -10.86 -5.96 -8.02
N TYR A 210 -9.69 -6.43 -7.58
CA TYR A 210 -8.45 -6.09 -8.27
C TYR A 210 -8.40 -6.59 -9.69
N SER A 211 -8.63 -7.89 -9.87
CA SER A 211 -8.59 -8.47 -11.21
C SER A 211 -9.48 -7.69 -12.17
N ILE A 212 -10.78 -7.79 -11.93
CA ILE A 212 -11.79 -7.13 -12.73
C ILE A 212 -11.43 -5.71 -13.18
N ALA A 213 -10.97 -4.89 -12.25
CA ALA A 213 -10.61 -3.50 -12.52
C ALA A 213 -9.31 -3.34 -13.31
N GLU A 214 -8.36 -4.24 -13.10
CA GLU A 214 -7.10 -4.18 -13.84
C GLU A 214 -7.42 -4.51 -15.29
N ALA A 215 -8.37 -5.43 -15.49
CA ALA A 215 -8.78 -5.83 -16.83
C ALA A 215 -9.56 -4.74 -17.53
N ALA A 216 -10.61 -4.24 -16.88
CA ALA A 216 -11.42 -3.18 -17.47
C ALA A 216 -10.55 -2.05 -18.00
N PHE A 217 -9.58 -1.62 -17.20
CA PHE A 217 -8.71 -0.53 -17.59
C PHE A 217 -7.63 -0.86 -18.59
N ASN A 218 -6.91 -1.94 -18.36
CA ASN A 218 -5.82 -2.31 -19.24
C ASN A 218 -6.29 -2.67 -20.65
N LYS A 219 -7.55 -3.13 -20.74
CA LYS A 219 -8.16 -3.48 -22.02
C LYS A 219 -8.77 -2.24 -22.68
N GLY A 220 -8.73 -1.11 -21.98
CA GLY A 220 -9.26 0.14 -22.53
C GLY A 220 -10.74 0.38 -22.32
N GLU A 221 -11.37 -0.42 -21.46
CA GLU A 221 -12.81 -0.35 -21.19
C GLU A 221 -13.31 0.73 -20.22
N THR A 222 -12.48 1.09 -19.25
CA THR A 222 -12.82 2.09 -18.27
C THR A 222 -11.80 3.23 -18.36
N ALA A 223 -12.31 4.46 -18.33
CA ALA A 223 -11.49 5.66 -18.45
C ALA A 223 -10.49 5.86 -17.31
N MET A 224 -10.83 5.35 -16.12
CA MET A 224 -9.96 5.51 -14.96
C MET A 224 -9.93 4.32 -14.02
N THR A 225 -8.94 4.32 -13.14
CA THR A 225 -8.75 3.29 -12.12
C THR A 225 -7.92 3.95 -11.03
N ILE A 226 -7.89 3.36 -9.85
CA ILE A 226 -7.10 3.91 -8.76
C ILE A 226 -6.19 2.79 -8.31
N ASN A 227 -4.87 2.95 -8.48
CA ASN A 227 -3.93 1.92 -8.09
C ASN A 227 -2.53 2.43 -7.72
N GLY A 228 -1.68 1.48 -7.34
CA GLY A 228 -0.34 1.84 -6.93
C GLY A 228 0.73 1.71 -7.99
N PRO A 229 1.94 2.18 -7.67
CA PRO A 229 3.08 2.15 -8.58
C PRO A 229 3.36 0.75 -9.10
N TRP A 230 3.00 -0.24 -8.31
CA TRP A 230 3.23 -1.63 -8.70
C TRP A 230 2.34 -2.03 -9.88
N ALA A 231 1.27 -1.29 -10.11
CA ALA A 231 0.34 -1.59 -11.20
C ALA A 231 0.81 -1.12 -12.59
N TRP A 232 1.74 -0.18 -12.64
CA TRP A 232 2.21 0.36 -13.91
C TRP A 232 2.84 -0.64 -14.88
N SER A 233 3.40 -1.73 -14.35
CA SER A 233 4.05 -2.74 -15.20
C SER A 233 3.08 -3.38 -16.16
N ASN A 234 1.98 -3.91 -15.63
CA ASN A 234 1.00 -4.57 -16.46
C ASN A 234 0.30 -3.59 -17.41
N ILE A 235 0.41 -2.29 -17.13
CA ILE A 235 -0.19 -1.28 -17.99
C ILE A 235 0.73 -0.97 -19.18
N ASP A 236 2.03 -0.90 -18.90
CA ASP A 236 3.04 -0.63 -19.93
C ASP A 236 2.94 -1.76 -20.98
N THR A 237 2.64 -2.96 -20.49
CA THR A 237 2.52 -4.15 -21.33
C THR A 237 1.31 -4.11 -22.28
N SER A 238 0.28 -3.41 -21.85
CA SER A 238 -0.94 -3.25 -22.63
C SER A 238 -0.72 -2.07 -23.58
N LYS A 239 0.18 -1.19 -23.17
CA LYS A 239 0.55 0.02 -23.93
C LYS A 239 -0.43 1.18 -23.80
N VAL A 240 -1.60 0.93 -23.20
CA VAL A 240 -2.63 1.98 -23.01
C VAL A 240 -1.97 3.31 -22.67
N ASN A 241 -2.26 4.36 -23.44
CA ASN A 241 -1.65 5.66 -23.14
C ASN A 241 -2.35 6.14 -21.89
N TYR A 242 -1.71 5.93 -20.74
CA TYR A 242 -2.29 6.33 -19.47
C TYR A 242 -1.58 7.50 -18.83
N GLY A 243 -2.17 8.00 -17.78
CA GLY A 243 -1.57 9.10 -17.06
C GLY A 243 -1.78 8.82 -15.59
N VAL A 244 -0.83 9.24 -14.77
CA VAL A 244 -0.94 9.06 -13.34
C VAL A 244 -0.98 10.44 -12.73
N THR A 245 -2.08 10.76 -12.07
CA THR A 245 -2.21 12.09 -11.52
C THR A 245 -2.85 12.16 -10.12
N VAL A 246 -3.10 13.37 -9.66
CA VAL A 246 -3.72 13.62 -8.37
C VAL A 246 -5.15 13.04 -8.32
N LEU A 247 -5.50 12.42 -7.20
CA LEU A 247 -6.82 11.85 -7.01
C LEU A 247 -7.86 12.96 -6.97
N PRO A 248 -9.12 12.64 -7.28
CA PRO A 248 -10.16 13.68 -7.25
C PRO A 248 -10.41 14.22 -5.85
N THR A 249 -10.86 15.46 -5.77
CA THR A 249 -11.17 16.06 -4.49
C THR A 249 -12.61 15.69 -4.19
N PHE A 250 -13.03 15.91 -2.96
CA PHE A 250 -14.39 15.60 -2.58
C PHE A 250 -14.80 16.71 -1.63
N LYS A 251 -15.92 17.38 -1.91
CA LYS A 251 -16.35 18.47 -1.05
C LYS A 251 -15.23 19.48 -0.99
N GLY A 252 -14.39 19.47 -2.02
CA GLY A 252 -13.27 20.40 -2.11
C GLY A 252 -11.99 20.02 -1.39
N GLN A 253 -12.02 18.90 -0.66
CA GLN A 253 -10.86 18.42 0.09
C GLN A 253 -10.10 17.39 -0.73
N PRO A 254 -8.77 17.51 -0.78
CA PRO A 254 -8.08 16.48 -1.56
C PRO A 254 -8.40 15.10 -1.00
N SER A 255 -8.30 14.07 -1.85
CA SER A 255 -8.52 12.69 -1.41
C SER A 255 -7.30 12.41 -0.53
N LYS A 256 -7.47 11.66 0.54
CA LYS A 256 -6.35 11.39 1.44
C LYS A 256 -6.00 9.93 1.54
N PRO A 257 -5.09 9.47 0.68
CA PRO A 257 -4.70 8.05 0.74
C PRO A 257 -3.79 7.70 1.93
N PHE A 258 -3.98 6.52 2.50
CA PHE A 258 -3.16 6.03 3.59
C PHE A 258 -1.82 5.67 2.95
N VAL A 259 -0.76 6.26 3.47
CA VAL A 259 0.58 6.07 2.95
C VAL A 259 1.30 4.87 3.57
N GLY A 260 1.79 3.98 2.71
CA GLY A 260 2.48 2.80 3.17
C GLY A 260 3.95 2.79 2.78
N VAL A 261 4.78 2.24 3.67
CA VAL A 261 6.20 2.13 3.47
C VAL A 261 6.56 0.65 3.34
N LEU A 262 6.86 0.20 2.13
CA LEU A 262 7.25 -1.20 1.94
C LEU A 262 8.46 -1.42 2.84
N SER A 263 8.46 -2.51 3.61
CA SER A 263 9.58 -2.75 4.51
C SER A 263 10.01 -4.17 4.62
N ALA A 264 11.30 -4.34 4.93
CA ALA A 264 11.90 -5.66 5.11
C ALA A 264 12.27 -5.86 6.58
N GLY A 265 11.55 -6.77 7.23
CA GLY A 265 11.82 -7.06 8.62
C GLY A 265 12.55 -8.38 8.73
N ILE A 266 13.39 -8.53 9.75
CA ILE A 266 14.14 -9.76 9.97
C ILE A 266 13.39 -10.65 10.95
N ASN A 267 13.27 -11.92 10.60
CA ASN A 267 12.58 -12.86 11.45
C ASN A 267 13.39 -12.94 12.74
N ALA A 268 12.71 -13.08 13.87
CA ALA A 268 13.39 -13.15 15.15
C ALA A 268 14.07 -14.51 15.33
N ALA A 269 13.45 -15.57 14.81
CA ALA A 269 13.99 -16.92 14.92
C ALA A 269 15.00 -17.26 13.82
N SER A 270 15.50 -16.26 13.11
CA SER A 270 16.48 -16.48 12.05
C SER A 270 17.92 -16.46 12.56
N PRO A 271 18.73 -17.47 12.17
CA PRO A 271 20.12 -17.55 12.61
C PRO A 271 21.05 -16.76 11.70
N ASN A 272 20.51 -16.30 10.56
CA ASN A 272 21.26 -15.55 9.57
C ASN A 272 21.04 -14.06 9.65
N LYS A 273 20.84 -13.56 10.86
CA LYS A 273 20.58 -12.13 11.05
C LYS A 273 21.61 -11.18 10.45
N GLU A 274 22.89 -11.52 10.59
CA GLU A 274 23.94 -10.66 10.06
C GLU A 274 23.89 -10.63 8.53
N LEU A 275 23.52 -11.77 7.94
CA LEU A 275 23.40 -11.88 6.49
C LEU A 275 22.28 -10.96 6.00
N ALA A 276 21.12 -11.06 6.65
CA ALA A 276 19.97 -10.24 6.32
C ALA A 276 20.37 -8.78 6.38
N LYS A 277 21.12 -8.40 7.41
CA LYS A 277 21.56 -7.02 7.56
C LYS A 277 22.45 -6.61 6.40
N GLU A 278 23.33 -7.53 6.00
CA GLU A 278 24.26 -7.29 4.91
C GLU A 278 23.54 -7.23 3.59
N PHE A 279 22.69 -8.22 3.34
CA PHE A 279 21.94 -8.25 2.09
C PHE A 279 21.16 -6.95 1.93
N LEU A 280 20.40 -6.59 2.96
CA LEU A 280 19.59 -5.38 2.93
C LEU A 280 20.34 -4.06 2.99
N GLU A 281 21.34 -3.96 3.87
CA GLU A 281 22.07 -2.71 3.99
C GLU A 281 23.00 -2.37 2.83
N ASN A 282 23.77 -3.34 2.34
CA ASN A 282 24.73 -3.05 1.28
C ASN A 282 24.40 -3.49 -0.14
N TYR A 283 23.41 -4.36 -0.30
CA TYR A 283 23.06 -4.79 -1.63
C TYR A 283 21.73 -4.20 -2.09
N LEU A 284 20.66 -4.56 -1.40
CA LEU A 284 19.34 -4.08 -1.76
C LEU A 284 19.27 -2.58 -1.66
N LEU A 285 19.47 -2.05 -0.47
CA LEU A 285 19.36 -0.62 -0.30
C LEU A 285 20.45 0.22 -0.95
N THR A 286 20.81 -0.16 -2.17
CA THR A 286 21.79 0.57 -2.98
C THR A 286 20.99 1.15 -4.15
N ASP A 287 21.67 1.76 -5.10
CA ASP A 287 20.99 2.31 -6.26
C ASP A 287 20.69 1.13 -7.20
N GLU A 288 21.68 0.27 -7.35
CA GLU A 288 21.62 -0.91 -8.19
C GLU A 288 20.59 -1.93 -7.71
N GLY A 289 20.57 -2.15 -6.40
CA GLY A 289 19.64 -3.11 -5.83
C GLY A 289 18.19 -2.75 -6.08
N LEU A 290 17.79 -1.56 -5.64
CA LEU A 290 16.42 -1.09 -5.81
C LEU A 290 16.08 -0.99 -7.28
N GLU A 291 17.02 -0.47 -8.06
CA GLU A 291 16.84 -0.33 -9.49
C GLU A 291 16.55 -1.69 -10.13
N ALA A 292 17.05 -2.74 -9.51
CA ALA A 292 16.84 -4.09 -10.01
C ALA A 292 15.42 -4.59 -9.71
N VAL A 293 14.80 -4.07 -8.66
CA VAL A 293 13.43 -4.47 -8.31
C VAL A 293 12.41 -3.55 -8.98
N ASN A 294 12.79 -2.28 -9.20
CA ASN A 294 11.93 -1.28 -9.83
C ASN A 294 11.71 -1.59 -11.32
N LYS A 295 12.71 -2.20 -11.96
CA LYS A 295 12.62 -2.57 -13.37
C LYS A 295 11.55 -3.64 -13.58
N ASP A 296 11.37 -4.49 -12.58
CA ASP A 296 10.38 -5.55 -12.67
C ASP A 296 9.01 -4.93 -12.41
N LYS A 297 8.83 -4.41 -11.19
CA LYS A 297 7.57 -3.76 -10.82
C LYS A 297 7.94 -2.51 -10.04
N PRO A 298 7.48 -1.34 -10.52
CA PRO A 298 7.78 -0.08 -9.84
C PRO A 298 7.49 -0.10 -8.34
N LEU A 299 8.43 0.44 -7.56
CA LEU A 299 8.30 0.52 -6.10
C LEU A 299 7.61 1.83 -5.73
N GLY A 300 7.66 2.78 -6.66
CA GLY A 300 7.08 4.08 -6.40
C GLY A 300 8.22 4.93 -5.86
N ALA A 301 7.95 5.74 -4.85
CA ALA A 301 9.00 6.57 -4.25
C ALA A 301 9.79 5.63 -3.32
N VAL A 302 11.12 5.71 -3.34
CA VAL A 302 11.92 4.83 -2.50
C VAL A 302 12.45 5.55 -1.26
N ALA A 303 12.83 4.78 -0.25
CA ALA A 303 13.36 5.32 0.99
C ALA A 303 14.79 5.88 0.80
N LEU A 304 15.51 5.29 -0.16
CA LEU A 304 16.87 5.69 -0.49
C LEU A 304 16.91 7.03 -1.20
N LYS A 305 17.53 8.02 -0.57
CA LYS A 305 17.63 9.36 -1.14
C LYS A 305 18.39 9.43 -2.47
N SER A 306 19.44 8.65 -2.60
CA SER A 306 20.26 8.66 -3.80
C SER A 306 19.55 8.12 -5.03
N TYR A 307 18.68 7.14 -4.83
CA TYR A 307 17.94 6.56 -5.93
C TYR A 307 16.63 7.34 -6.20
N GLU A 308 16.04 7.91 -5.15
CA GLU A 308 14.82 8.67 -5.33
C GLU A 308 15.11 9.91 -6.18
N GLU A 309 16.32 10.44 -6.04
CA GLU A 309 16.72 11.62 -6.81
C GLU A 309 16.64 11.32 -8.31
N GLU A 310 16.93 10.08 -8.68
CA GLU A 310 16.90 9.66 -10.08
C GLU A 310 15.51 9.23 -10.49
N LEU A 311 14.65 9.02 -9.50
CA LEU A 311 13.27 8.59 -9.74
C LEU A 311 12.24 9.72 -9.77
N ALA A 312 12.52 10.83 -9.08
CA ALA A 312 11.57 11.94 -9.02
C ALA A 312 11.46 12.75 -10.30
N LYS A 313 12.04 12.23 -11.37
CA LYS A 313 12.00 12.89 -12.66
C LYS A 313 10.71 12.45 -13.35
N ASP A 314 10.32 11.22 -13.02
CA ASP A 314 9.12 10.58 -13.54
C ASP A 314 7.88 11.29 -12.99
N PRO A 315 6.92 11.66 -13.86
CA PRO A 315 5.69 12.33 -13.43
C PRO A 315 4.72 11.40 -12.69
N ARG A 316 4.92 10.10 -12.86
CA ARG A 316 4.07 9.14 -12.19
C ARG A 316 4.47 9.16 -10.72
N ILE A 317 5.77 9.31 -10.47
CA ILE A 317 6.32 9.38 -9.11
C ILE A 317 6.08 10.76 -8.51
N ALA A 318 6.01 11.76 -9.37
CA ALA A 318 5.73 13.12 -8.91
C ALA A 318 4.31 13.10 -8.37
N ALA A 319 3.44 12.39 -9.08
CA ALA A 319 2.03 12.25 -8.73
C ALA A 319 1.86 11.42 -7.47
N THR A 320 2.75 10.45 -7.31
CA THR A 320 2.73 9.57 -6.14
C THR A 320 3.07 10.39 -4.89
N MET A 321 4.10 11.22 -4.99
CA MET A 321 4.54 12.08 -3.89
C MET A 321 3.48 13.12 -3.51
N GLU A 322 2.72 13.58 -4.50
CA GLU A 322 1.68 14.57 -4.23
C GLU A 322 0.49 13.95 -3.52
N ASN A 323 0.17 12.71 -3.83
CA ASN A 323 -0.96 12.06 -3.16
C ASN A 323 -0.55 11.62 -1.77
N ALA A 324 0.69 11.13 -1.66
CA ALA A 324 1.20 10.70 -0.37
C ALA A 324 1.19 11.92 0.53
N GLN A 325 1.63 13.06 -0.04
CA GLN A 325 1.67 14.32 0.69
C GLN A 325 0.31 14.71 1.23
N LYS A 326 -0.72 14.52 0.41
CA LYS A 326 -2.08 14.88 0.82
C LYS A 326 -2.74 13.82 1.67
N GLY A 327 -2.07 12.69 1.85
CA GLY A 327 -2.65 11.64 2.67
C GLY A 327 -1.94 11.55 4.00
N GLU A 328 -2.35 10.61 4.85
CA GLU A 328 -1.72 10.43 6.14
C GLU A 328 -0.93 9.13 6.09
N ILE A 329 0.21 9.13 6.77
CA ILE A 329 1.06 7.97 6.87
C ILE A 329 0.40 7.03 7.88
N MET A 330 0.26 5.77 7.49
CA MET A 330 -0.37 4.79 8.35
C MET A 330 0.32 4.54 9.72
N PRO A 331 -0.47 4.18 10.74
CA PRO A 331 0.03 3.87 12.08
C PRO A 331 0.56 2.42 11.97
N ASN A 332 1.43 1.98 12.87
CA ASN A 332 1.91 0.61 12.79
C ASN A 332 1.52 -0.18 14.04
N ILE A 333 0.63 0.41 14.83
CA ILE A 333 0.17 -0.22 16.06
C ILE A 333 -0.60 -1.50 15.78
N PRO A 334 -0.55 -2.46 16.72
CA PRO A 334 -1.26 -3.74 16.54
C PRO A 334 -2.73 -3.61 16.18
N GLN A 335 -3.30 -2.45 16.50
CA GLN A 335 -4.70 -2.21 16.25
C GLN A 335 -5.04 -2.04 14.77
N MET A 336 -4.03 -1.82 13.95
CA MET A 336 -4.27 -1.65 12.52
C MET A 336 -4.92 -2.85 11.85
N SER A 337 -4.77 -4.04 12.41
CA SER A 337 -5.39 -5.24 11.83
C SER A 337 -6.87 -5.31 12.19
N ALA A 338 -7.23 -4.77 13.35
CA ALA A 338 -8.61 -4.75 13.81
C ALA A 338 -9.34 -3.70 12.98
N PHE A 339 -8.64 -2.60 12.74
CA PHE A 339 -9.15 -1.50 11.95
C PHE A 339 -9.50 -1.95 10.54
N TRP A 340 -8.51 -2.54 9.86
CA TRP A 340 -8.68 -3.01 8.48
C TRP A 340 -9.75 -4.09 8.33
N TYR A 341 -9.84 -4.98 9.31
CA TYR A 341 -10.87 -6.03 9.27
C TYR A 341 -12.24 -5.33 9.24
N ALA A 342 -12.53 -4.62 10.34
CA ALA A 342 -13.78 -3.89 10.51
C ALA A 342 -14.16 -2.97 9.34
N VAL A 343 -13.21 -2.19 8.85
CA VAL A 343 -13.48 -1.28 7.73
C VAL A 343 -13.71 -2.01 6.40
N ARG A 344 -13.16 -3.22 6.27
CA ARG A 344 -13.32 -3.99 5.03
C ARG A 344 -14.77 -4.44 4.89
N THR A 345 -15.32 -4.98 5.98
CA THR A 345 -16.71 -5.42 6.02
C THR A 345 -17.65 -4.24 5.81
N ALA A 346 -17.41 -3.16 6.54
CA ALA A 346 -18.25 -1.98 6.43
C ALA A 346 -18.37 -1.55 4.97
N VAL A 347 -17.25 -1.35 4.30
CA VAL A 347 -17.26 -0.92 2.90
C VAL A 347 -17.91 -1.97 2.00
N ILE A 348 -17.58 -3.23 2.23
CA ILE A 348 -18.13 -4.30 1.43
C ILE A 348 -19.63 -4.36 1.66
N ASN A 349 -20.04 -4.44 2.93
CA ASN A 349 -21.46 -4.51 3.28
C ASN A 349 -22.24 -3.32 2.76
N ALA A 350 -21.73 -2.12 3.00
CA ALA A 350 -22.38 -0.89 2.56
C ALA A 350 -22.53 -0.84 1.03
N ALA A 351 -21.53 -1.35 0.31
CA ALA A 351 -21.58 -1.33 -1.16
C ALA A 351 -22.60 -2.32 -1.77
N SER A 352 -22.63 -3.56 -1.26
CA SER A 352 -23.58 -4.56 -1.75
C SER A 352 -24.99 -4.15 -1.41
N GLY A 353 -25.16 -3.54 -0.23
CA GLY A 353 -26.45 -3.09 0.22
C GLY A 353 -26.89 -3.82 1.48
N ARG A 354 -26.02 -4.68 1.98
CA ARG A 354 -26.31 -5.49 3.16
C ARG A 354 -26.49 -4.63 4.41
N GLN A 355 -25.81 -3.49 4.45
CA GLN A 355 -25.91 -2.56 5.58
C GLN A 355 -25.97 -1.15 4.98
N THR A 356 -26.60 -0.21 5.69
CA THR A 356 -26.63 1.16 5.18
C THR A 356 -25.26 1.73 5.57
N VAL A 357 -24.86 2.85 4.99
CA VAL A 357 -23.59 3.43 5.37
C VAL A 357 -23.60 3.53 6.89
N ASP A 358 -24.58 4.26 7.42
CA ASP A 358 -24.74 4.47 8.85
C ASP A 358 -24.54 3.22 9.69
N GLU A 359 -25.21 2.14 9.31
CA GLU A 359 -25.10 0.87 10.02
C GLU A 359 -23.70 0.28 9.92
N ALA A 360 -23.14 0.34 8.71
CA ALA A 360 -21.81 -0.19 8.46
C ALA A 360 -20.72 0.45 9.30
N LEU A 361 -20.49 1.74 9.06
CA LEU A 361 -19.47 2.50 9.77
C LEU A 361 -19.66 2.53 11.27
N LYS A 362 -20.88 2.34 11.73
CA LYS A 362 -21.16 2.34 13.17
C LYS A 362 -20.66 1.03 13.76
N ASP A 363 -20.95 -0.07 13.08
CA ASP A 363 -20.54 -1.39 13.52
C ASP A 363 -19.02 -1.48 13.58
N ALA A 364 -18.35 -0.85 12.60
CA ALA A 364 -16.88 -0.83 12.51
C ALA A 364 -16.28 -0.09 13.70
N GLN A 365 -16.83 1.07 13.98
CA GLN A 365 -16.40 1.89 15.09
C GLN A 365 -16.52 1.06 16.37
N THR A 366 -17.62 0.33 16.49
CA THR A 366 -17.87 -0.51 17.65
C THR A 366 -16.88 -1.67 17.74
N ARG A 367 -16.69 -2.38 16.63
CA ARG A 367 -15.77 -3.49 16.62
C ARG A 367 -14.35 -3.03 16.92
N ILE A 368 -13.92 -1.97 16.25
CA ILE A 368 -12.58 -1.43 16.44
C ILE A 368 -12.26 -0.97 17.87
N THR A 369 -13.10 -0.12 18.43
CA THR A 369 -12.86 0.42 19.77
C THR A 369 -13.38 -0.44 20.92
N LYS A 370 -13.77 -1.67 20.61
CA LYS A 370 -14.28 -2.58 21.64
C LYS A 370 -13.15 -3.08 22.54
C1 GLO B . 3.63 -4.42 0.26
C2 GLO B . 2.20 -4.96 0.19
C3 GLO B . 1.71 -4.99 -1.31
C4 GLO B . 0.23 -5.45 -1.54
C5 GLO B . -0.65 -6.08 -0.48
C6 GLO B . -2.08 -6.43 -0.95
O1 GLO B . 4.24 -4.28 1.32
O2 GLO B . 2.20 -6.23 0.75
O3 GLO B . 2.59 -5.83 -2.10
O4 GLO B . -0.44 -4.40 -2.31
O5 GLO B . -0.06 -7.30 -0.16
O6 GLO B . -2.97 -6.85 0.09
C1 GLC B . -0.94 -3.15 -1.89
C2 GLC B . -0.14 -2.34 -0.86
C3 GLC B . -0.55 -2.69 0.56
C4 GLC B . -2.09 -2.64 0.73
C5 GLC B . -2.73 -3.52 -0.33
C6 GLC B . -4.22 -3.59 -0.33
O2 GLC B . 1.26 -2.48 -1.03
O3 GLC B . 0.07 -1.79 1.47
O4 GLC B . -2.44 -3.20 1.99
O5 GLC B . -2.35 -3.12 -1.64
O6 GLC B . -4.64 -4.46 -1.37
C1 GLC B . -2.82 -2.29 2.98
C2 GLC B . -2.14 -2.73 4.26
C3 GLC B . -2.64 -4.11 4.67
C4 GLC B . -4.18 -4.13 4.77
C5 GLC B . -4.81 -3.55 3.49
C6 GLC B . -6.29 -3.35 3.61
O2 GLC B . -0.74 -2.78 4.00
O3 GLC B . -2.08 -4.46 5.93
O4 GLC B . -4.64 -5.44 4.97
O5 GLC B . -4.23 -2.27 3.15
O6 GLC B . -6.82 -2.80 2.42
#